data_4FTI
#
_entry.id   4FTI
#
_cell.length_a   45.302
_cell.length_b   65.748
_cell.length_c   58.219
_cell.angle_alpha   90.000
_cell.angle_beta   94.220
_cell.angle_gamma   90.000
#
_symmetry.space_group_name_H-M   'P 1 21 1'
#
loop_
_entity.id
_entity.type
_entity.pdbx_description
1 polymer 'Serine/threonine-protein kinase Chk1'
2 non-polymer 'methyl 5-(6-{[(cis-4-hydroxycyclohexyl)amino]methyl}-2,4-dihydroindeno[1,2-c]pyrazol-3-yl)furan-2-carboxylate'
3 non-polymer 'SULFATE ION'
4 non-polymer GLYCEROL
5 non-polymer 'ISOPROPYL ALCOHOL'
6 water water
#
_entity_poly.entity_id   1
_entity_poly.type   'polypeptide(L)'
_entity_poly.pdbx_seq_one_letter_code
;AVPFVEDWDLVQTLGEGAYGEVQLAVNRVTEEAVAVKIVDMKRAVDCPENIKKEICINKMLNHENVVKFYGHRREGNIQY
LFLEYCSGGELFDRIEPDIGMPEPDAQRFFHQLMAGVVYLHGIGITHRDIKPENLLLDERDNLKISDFGLATVFRYNNRE
RLLNKMCGTLPYVAPELLKRREFHAEPVDVWSCGIVLTAMLAGELPWDQPSDSCQEYSDWKEKKTYLNPWKKIDSAPLAL
LHKILVENPSARITIPDIKKDRWYNKPLKKGAKRPRVTS
;
_entity_poly.pdbx_strand_id   A
#
loop_
_chem_comp.id
_chem_comp.type
_chem_comp.name
_chem_comp.formula
GOL non-polymer GLYCEROL 'C3 H8 O3'
H7K non-polymer 'methyl 5-(6-{[(cis-4-hydroxycyclohexyl)amino]methyl}-2,4-dihydroindeno[1,2-c]pyrazol-3-yl)furan-2-carboxylate' 'C23 H25 N3 O4'
IPA non-polymer 'ISOPROPYL ALCOHOL' 'C3 H8 O'
SO4 non-polymer 'SULFATE ION' 'O4 S -2'
#
# COMPACT_ATOMS: atom_id res chain seq x y z
N VAL A 2 3.92 -18.86 -32.41
CA VAL A 2 4.15 -17.54 -33.00
C VAL A 2 2.78 -16.88 -33.36
N PRO A 3 1.89 -17.43 -34.24
CA PRO A 3 0.63 -16.69 -34.52
C PRO A 3 -0.32 -16.61 -33.32
N PHE A 4 -1.01 -15.44 -33.18
CA PHE A 4 -2.08 -15.12 -32.20
C PHE A 4 -1.56 -14.91 -30.77
N VAL A 5 -0.23 -15.04 -30.54
CA VAL A 5 0.44 -14.89 -29.24
C VAL A 5 0.26 -13.46 -28.63
N GLU A 6 -0.06 -12.47 -29.49
CA GLU A 6 -0.26 -11.08 -29.11
C GLU A 6 -1.74 -10.77 -28.79
N ASP A 7 -2.65 -11.75 -28.94
CA ASP A 7 -4.09 -11.54 -28.70
C ASP A 7 -4.49 -11.90 -27.28
N TRP A 8 -5.20 -10.98 -26.62
CA TRP A 8 -5.68 -11.12 -25.25
C TRP A 8 -7.18 -10.94 -25.21
N ASP A 9 -7.90 -11.81 -24.48
CA ASP A 9 -9.33 -11.68 -24.32
C ASP A 9 -9.63 -11.06 -22.97
N LEU A 10 -10.53 -10.07 -22.93
CA LEU A 10 -10.93 -9.42 -21.68
C LEU A 10 -12.07 -10.24 -21.13
N VAL A 11 -11.84 -10.96 -20.02
CA VAL A 11 -12.82 -11.93 -19.52
C VAL A 11 -13.64 -11.45 -18.30
N GLN A 12 -13.12 -10.52 -17.47
CA GLN A 12 -13.90 -10.01 -16.32
C GLN A 12 -13.37 -8.69 -15.77
N THR A 13 -14.27 -7.93 -15.13
CA THR A 13 -13.97 -6.64 -14.51
C THR A 13 -13.43 -6.92 -13.13
N LEU A 14 -12.19 -6.48 -12.89
CA LEU A 14 -11.52 -6.65 -11.60
C LEU A 14 -11.77 -5.44 -10.70
N GLY A 15 -11.84 -4.26 -11.30
CA GLY A 15 -12.06 -3.01 -10.60
C GLY A 15 -12.56 -1.90 -11.50
N GLU A 16 -13.30 -0.94 -10.92
CA GLU A 16 -13.90 0.21 -11.60
C GLU A 16 -13.77 1.46 -10.75
N GLY A 17 -13.81 2.62 -11.41
CA GLY A 17 -13.72 3.92 -10.75
C GLY A 17 -13.27 5.06 -11.64
N ALA A 18 -12.71 6.11 -11.01
CA ALA A 18 -12.19 7.27 -11.71
C ALA A 18 -10.66 7.18 -11.80
N TYR A 19 -10.09 7.19 -13.01
CA TYR A 19 -10.82 7.31 -14.28
C TYR A 19 -10.53 6.09 -15.15
N GLY A 20 -11.44 5.12 -15.10
CA GLY A 20 -11.33 3.91 -15.89
C GLY A 20 -11.65 2.63 -15.14
N GLU A 21 -11.25 1.50 -15.75
CA GLU A 21 -11.49 0.17 -15.22
C GLU A 21 -10.26 -0.71 -15.33
N VAL A 22 -10.24 -1.76 -14.52
CA VAL A 22 -9.19 -2.78 -14.54
C VAL A 22 -9.89 -4.05 -14.99
N GLN A 23 -9.42 -4.65 -16.09
CA GLN A 23 -9.98 -5.87 -16.64
C GLN A 23 -8.99 -7.02 -16.57
N LEU A 24 -9.48 -8.23 -16.27
CA LEU A 24 -8.64 -9.43 -16.33
C LEU A 24 -8.52 -9.82 -17.81
N ALA A 25 -7.28 -9.92 -18.31
CA ALA A 25 -6.98 -10.32 -19.70
C ALA A 25 -6.29 -11.67 -19.72
N VAL A 26 -6.73 -12.56 -20.63
CA VAL A 26 -6.20 -13.92 -20.80
C VAL A 26 -5.67 -14.06 -22.23
N ASN A 27 -4.41 -14.51 -22.37
CA ASN A 27 -3.79 -14.68 -23.66
C ASN A 27 -4.46 -15.87 -24.41
N ARG A 28 -4.79 -15.63 -25.67
CA ARG A 28 -5.46 -16.57 -26.59
C ARG A 28 -4.67 -17.87 -26.75
N VAL A 29 -3.34 -17.80 -26.78
CA VAL A 29 -2.49 -18.96 -27.00
C VAL A 29 -2.02 -19.56 -25.66
N THR A 30 -1.35 -18.76 -24.81
CA THR A 30 -0.72 -19.28 -23.58
C THR A 30 -1.63 -19.40 -22.36
N GLU A 31 -2.78 -18.70 -22.35
CA GLU A 31 -3.74 -18.61 -21.24
C GLU A 31 -3.14 -17.83 -20.04
N GLU A 32 -2.05 -17.10 -20.26
CA GLU A 32 -1.42 -16.25 -19.24
C GLU A 32 -2.42 -15.14 -18.83
N ALA A 33 -2.59 -14.94 -17.53
CA ALA A 33 -3.49 -13.90 -17.01
C ALA A 33 -2.72 -12.64 -16.61
N VAL A 34 -3.19 -11.48 -17.08
CA VAL A 34 -2.68 -10.16 -16.74
C VAL A 34 -3.86 -9.26 -16.46
N ALA A 35 -3.62 -8.15 -15.73
CA ALA A 35 -4.61 -7.12 -15.46
C ALA A 35 -4.38 -5.96 -16.44
N VAL A 36 -5.43 -5.54 -17.13
CA VAL A 36 -5.30 -4.43 -18.08
C VAL A 36 -6.01 -3.22 -17.50
N LYS A 37 -5.24 -2.16 -17.23
CA LYS A 37 -5.79 -0.89 -16.71
C LYS A 37 -6.16 -0.04 -17.92
N ILE A 38 -7.45 0.29 -18.07
CA ILE A 38 -7.97 1.04 -19.21
C ILE A 38 -8.33 2.45 -18.74
N VAL A 39 -7.48 3.44 -19.12
CA VAL A 39 -7.63 4.84 -18.71
C VAL A 39 -8.04 5.69 -19.92
N ASP A 40 -9.29 6.21 -19.88
CA ASP A 40 -9.89 7.06 -20.93
C ASP A 40 -9.32 8.48 -20.85
N MET A 41 -8.30 8.76 -21.69
CA MET A 41 -7.57 10.03 -21.79
C MET A 41 -8.41 11.11 -22.47
N GLU A 49 -0.86 13.52 -18.88
CA GLU A 49 0.21 13.96 -17.99
C GLU A 49 0.27 13.11 -16.71
N ASN A 50 -0.90 12.85 -16.07
CA ASN A 50 -1.00 12.02 -14.85
C ASN A 50 -0.73 10.55 -15.19
N ILE A 51 -1.24 10.10 -16.35
CA ILE A 51 -1.06 8.75 -16.87
C ILE A 51 0.39 8.59 -17.40
N LYS A 52 0.95 9.66 -18.02
CA LYS A 52 2.33 9.67 -18.54
C LYS A 52 3.35 9.48 -17.40
N LYS A 53 3.08 10.05 -16.21
CA LYS A 53 3.92 9.93 -15.03
C LYS A 53 3.79 8.52 -14.43
N GLU A 54 2.54 7.98 -14.39
CA GLU A 54 2.24 6.63 -13.88
C GLU A 54 2.99 5.56 -14.67
N ILE A 55 3.01 5.69 -16.01
CA ILE A 55 3.70 4.77 -16.92
C ILE A 55 5.21 4.87 -16.66
N CYS A 56 5.74 6.11 -16.60
CA CYS A 56 7.16 6.39 -16.34
CA CYS A 56 7.16 6.36 -16.36
C CYS A 56 7.61 5.82 -14.99
N ILE A 57 6.78 6.00 -13.93
CA ILE A 57 7.13 5.47 -12.61
C ILE A 57 7.08 3.93 -12.65
N ASN A 58 6.04 3.34 -13.27
CA ASN A 58 5.86 1.89 -13.36
C ASN A 58 7.00 1.18 -14.10
N LYS A 59 7.62 1.82 -15.11
CA LYS A 59 8.75 1.28 -15.90
C LYS A 59 10.02 1.11 -15.04
N MET A 60 10.15 1.93 -13.98
CA MET A 60 11.27 1.87 -13.02
C MET A 60 11.17 0.70 -12.02
N LEU A 61 9.94 0.17 -11.81
CA LEU A 61 9.62 -0.80 -10.75
C LEU A 61 9.92 -2.25 -11.07
N ASN A 62 10.71 -2.87 -10.18
CA ASN A 62 11.04 -4.28 -10.28
C ASN A 62 11.36 -4.84 -8.90
N HIS A 63 10.33 -5.36 -8.23
CA HIS A 63 10.42 -5.92 -6.87
C HIS A 63 9.29 -6.92 -6.64
N GLU A 64 9.56 -7.95 -5.86
CA GLU A 64 8.61 -9.03 -5.54
C GLU A 64 7.35 -8.55 -4.74
N ASN A 65 7.39 -7.36 -4.09
CA ASN A 65 6.22 -6.83 -3.37
C ASN A 65 5.65 -5.55 -4.01
N VAL A 66 5.88 -5.39 -5.31
CA VAL A 66 5.38 -4.28 -6.13
C VAL A 66 4.78 -4.91 -7.38
N VAL A 67 3.54 -4.51 -7.73
CA VAL A 67 2.84 -4.97 -8.93
C VAL A 67 3.72 -4.69 -10.17
N LYS A 68 4.02 -5.73 -10.96
CA LYS A 68 4.87 -5.64 -12.16
C LYS A 68 4.16 -4.95 -13.31
N PHE A 69 4.92 -4.20 -14.10
CA PHE A 69 4.45 -3.49 -15.30
C PHE A 69 5.02 -4.21 -16.52
N TYR A 70 4.13 -4.66 -17.41
CA TYR A 70 4.55 -5.41 -18.60
C TYR A 70 4.71 -4.52 -19.83
N GLY A 71 3.94 -3.44 -19.88
CA GLY A 71 3.99 -2.47 -20.96
C GLY A 71 2.68 -1.74 -21.12
N HIS A 72 2.62 -0.87 -22.12
CA HIS A 72 1.41 -0.11 -22.40
C HIS A 72 1.20 0.05 -23.91
N ARG A 73 -0.05 0.26 -24.29
CA ARG A 73 -0.43 0.46 -25.68
C ARG A 73 -1.48 1.56 -25.73
N ARG A 74 -1.29 2.53 -26.63
CA ARG A 74 -2.21 3.65 -26.82
C ARG A 74 -3.06 3.40 -28.07
N GLU A 75 -4.38 3.31 -27.91
CA GLU A 75 -5.32 3.14 -29.01
C GLU A 75 -6.17 4.40 -29.11
N GLY A 76 -5.59 5.43 -29.73
CA GLY A 76 -6.19 6.74 -29.93
C GLY A 76 -6.21 7.58 -28.66
N ASN A 77 -7.40 7.69 -28.05
CA ASN A 77 -7.61 8.45 -26.81
C ASN A 77 -7.69 7.52 -25.57
N ILE A 78 -7.29 6.23 -25.75
CA ILE A 78 -7.34 5.25 -24.66
C ILE A 78 -5.95 4.62 -24.45
N GLN A 79 -5.49 4.63 -23.19
CA GLN A 79 -4.24 3.99 -22.77
C GLN A 79 -4.57 2.67 -22.11
N TYR A 80 -3.81 1.62 -22.47
CA TYR A 80 -3.94 0.27 -21.92
C TYR A 80 -2.68 -0.07 -21.16
N LEU A 81 -2.76 -0.19 -19.83
CA LEU A 81 -1.60 -0.53 -19.01
C LEU A 81 -1.67 -2.01 -18.69
N PHE A 82 -0.64 -2.77 -19.06
CA PHE A 82 -0.59 -4.20 -18.83
C PHE A 82 0.20 -4.46 -17.56
N LEU A 83 -0.51 -4.94 -16.53
CA LEU A 83 0.05 -5.12 -15.20
C LEU A 83 -0.22 -6.50 -14.64
N GLU A 84 0.54 -6.83 -13.59
CA GLU A 84 0.46 -8.09 -12.88
C GLU A 84 -0.97 -8.37 -12.38
N TYR A 85 -1.46 -9.58 -12.66
CA TYR A 85 -2.73 -10.05 -12.11
C TYR A 85 -2.42 -10.70 -10.78
N CYS A 86 -3.16 -10.32 -9.74
CA CYS A 86 -2.98 -10.83 -8.39
C CYS A 86 -4.29 -11.50 -8.02
N SER A 87 -4.37 -12.84 -8.17
CA SER A 87 -5.59 -13.65 -8.00
C SER A 87 -6.19 -13.61 -6.60
N GLY A 88 -5.34 -13.35 -5.59
CA GLY A 88 -5.78 -13.23 -4.19
C GLY A 88 -6.63 -12.01 -3.88
N GLY A 89 -6.69 -11.07 -4.81
CA GLY A 89 -7.46 -9.84 -4.67
C GLY A 89 -6.83 -8.83 -3.74
N GLU A 90 -7.64 -7.96 -3.16
CA GLU A 90 -7.22 -6.89 -2.25
C GLU A 90 -7.10 -7.35 -0.80
N LEU A 91 -6.13 -6.76 -0.06
CA LEU A 91 -5.93 -6.97 1.37
C LEU A 91 -7.19 -6.56 2.12
N PHE A 92 -7.87 -5.54 1.60
CA PHE A 92 -9.11 -4.99 2.13
C PHE A 92 -10.14 -6.11 2.44
N ASP A 93 -10.29 -7.10 1.53
CA ASP A 93 -11.26 -8.19 1.70
C ASP A 93 -10.77 -9.31 2.63
N ARG A 94 -9.57 -9.18 3.20
CA ARG A 94 -9.05 -10.13 4.19
C ARG A 94 -9.23 -9.59 5.59
N ILE A 95 -9.68 -8.33 5.70
CA ILE A 95 -9.90 -7.66 6.97
C ILE A 95 -11.37 -7.84 7.35
N GLU A 96 -11.64 -8.54 8.46
CA GLU A 96 -13.01 -8.73 8.94
C GLU A 96 -13.44 -7.48 9.70
N PRO A 97 -14.54 -6.81 9.30
CA PRO A 97 -14.94 -5.57 9.99
C PRO A 97 -15.09 -5.75 11.50
N ASP A 98 -14.56 -4.76 12.25
CA ASP A 98 -14.51 -4.64 13.71
CA ASP A 98 -14.56 -4.68 13.72
C ASP A 98 -13.72 -5.81 14.37
N ILE A 99 -13.12 -6.70 13.57
CA ILE A 99 -12.32 -7.83 14.08
C ILE A 99 -10.83 -7.75 13.64
N GLY A 100 -10.61 -7.62 12.33
CA GLY A 100 -9.29 -7.61 11.74
C GLY A 100 -8.96 -8.95 11.13
N MET A 101 -7.85 -9.54 11.55
CA MET A 101 -7.38 -10.83 11.06
C MET A 101 -6.41 -11.41 12.08
N PRO A 102 -6.05 -12.71 12.00
CA PRO A 102 -5.08 -13.26 12.97
C PRO A 102 -3.78 -12.48 12.95
N GLU A 103 -3.25 -12.15 14.13
CA GLU A 103 -2.02 -11.38 14.32
C GLU A 103 -0.83 -11.93 13.50
N PRO A 104 -0.62 -13.29 13.37
CA PRO A 104 0.48 -13.79 12.53
C PRO A 104 0.31 -13.41 11.05
N ASP A 105 -0.94 -13.43 10.52
CA ASP A 105 -1.19 -13.04 9.14
C ASP A 105 -0.86 -11.55 8.93
N ALA A 106 -1.32 -10.68 9.84
CA ALA A 106 -1.07 -9.24 9.77
C ALA A 106 0.44 -8.96 9.81
N GLN A 107 1.19 -9.70 10.65
CA GLN A 107 2.64 -9.54 10.78
C GLN A 107 3.32 -9.84 9.45
N ARG A 108 2.95 -10.97 8.83
CA ARG A 108 3.49 -11.38 7.55
C ARG A 108 3.15 -10.35 6.47
N PHE A 109 1.88 -9.85 6.44
CA PHE A 109 1.53 -8.82 5.46
C PHE A 109 2.31 -7.55 5.71
N PHE A 110 2.51 -7.20 6.99
CA PHE A 110 3.24 -5.99 7.35
C PHE A 110 4.74 -6.10 6.95
N HIS A 111 5.38 -7.30 7.12
CA HIS A 111 6.77 -7.50 6.68
C HIS A 111 6.90 -7.24 5.15
N GLN A 112 5.92 -7.77 4.38
CA GLN A 112 5.90 -7.66 2.93
C GLN A 112 5.63 -6.22 2.51
N LEU A 113 4.79 -5.51 3.24
CA LEU A 113 4.52 -4.11 2.96
C LEU A 113 5.81 -3.29 3.19
N MET A 114 6.53 -3.57 4.29
CA MET A 114 7.79 -2.89 4.60
C MET A 114 8.84 -3.16 3.53
N ALA A 115 8.97 -4.41 3.03
CA ALA A 115 9.93 -4.74 1.96
C ALA A 115 9.63 -3.92 0.69
N GLY A 116 8.36 -3.85 0.31
CA GLY A 116 7.90 -3.06 -0.84
C GLY A 116 8.18 -1.58 -0.69
N VAL A 117 7.84 -0.99 0.47
CA VAL A 117 8.05 0.43 0.79
C VAL A 117 9.57 0.78 0.86
N VAL A 118 10.41 -0.10 1.46
CA VAL A 118 11.88 0.06 1.52
C VAL A 118 12.42 0.20 0.08
N TYR A 119 11.94 -0.68 -0.82
CA TYR A 119 12.34 -0.73 -2.21
C TYR A 119 12.01 0.58 -2.90
N LEU A 120 10.74 1.03 -2.80
CA LEU A 120 10.27 2.28 -3.41
C LEU A 120 11.07 3.47 -2.88
N HIS A 121 11.22 3.59 -1.56
CA HIS A 121 11.94 4.72 -0.99
C HIS A 121 13.43 4.68 -1.42
N GLY A 122 13.99 3.48 -1.55
CA GLY A 122 15.38 3.26 -1.98
C GLY A 122 15.69 3.78 -3.38
N ILE A 123 14.68 3.79 -4.30
CA ILE A 123 14.79 4.30 -5.68
C ILE A 123 14.16 5.72 -5.78
N GLY A 124 13.87 6.34 -4.64
CA GLY A 124 13.36 7.71 -4.60
C GLY A 124 11.92 7.90 -5.00
N ILE A 125 11.10 6.86 -4.87
CA ILE A 125 9.66 6.92 -5.17
C ILE A 125 8.83 6.85 -3.89
N THR A 126 7.82 7.75 -3.79
CA THR A 126 6.81 7.72 -2.72
C THR A 126 5.46 7.35 -3.36
N HIS A 127 4.77 6.37 -2.79
CA HIS A 127 3.48 5.88 -3.31
C HIS A 127 2.39 6.94 -3.10
N ARG A 128 2.30 7.49 -1.85
CA ARG A 128 1.42 8.57 -1.39
C ARG A 128 -0.07 8.16 -1.19
N ASP A 129 -0.44 6.89 -1.44
CA ASP A 129 -1.82 6.45 -1.22
C ASP A 129 -1.87 4.98 -0.78
N ILE A 130 -1.01 4.62 0.19
CA ILE A 130 -0.99 3.28 0.76
C ILE A 130 -2.26 3.07 1.58
N LYS A 131 -3.05 2.02 1.22
CA LYS A 131 -4.28 1.63 1.90
C LYS A 131 -4.60 0.20 1.48
N PRO A 132 -5.45 -0.56 2.22
CA PRO A 132 -5.69 -1.98 1.90
C PRO A 132 -6.29 -2.23 0.51
N GLU A 133 -7.03 -1.26 -0.05
CA GLU A 133 -7.57 -1.33 -1.42
C GLU A 133 -6.45 -1.38 -2.46
N ASN A 134 -5.28 -0.81 -2.14
CA ASN A 134 -4.11 -0.74 -3.04
C ASN A 134 -3.10 -1.82 -2.78
N LEU A 135 -3.34 -2.69 -1.81
CA LEU A 135 -2.40 -3.78 -1.49
C LEU A 135 -3.01 -5.07 -2.00
N LEU A 136 -2.43 -5.64 -3.04
CA LEU A 136 -2.97 -6.82 -3.71
C LEU A 136 -2.22 -8.08 -3.30
N LEU A 137 -2.90 -9.24 -3.42
CA LEU A 137 -2.35 -10.51 -3.01
C LEU A 137 -2.25 -11.48 -4.19
N ASP A 138 -1.11 -12.14 -4.38
CA ASP A 138 -0.97 -13.12 -5.47
C ASP A 138 -1.59 -14.46 -5.00
N GLU A 139 -1.46 -15.54 -5.81
CA GLU A 139 -1.99 -16.88 -5.54
C GLU A 139 -1.46 -17.48 -4.22
N ARG A 140 -0.22 -17.14 -3.83
CA ARG A 140 0.41 -17.60 -2.58
C ARG A 140 0.24 -16.55 -1.42
N ASP A 141 -0.66 -15.56 -1.61
CA ASP A 141 -0.97 -14.50 -0.63
C ASP A 141 0.23 -13.58 -0.34
N ASN A 142 1.07 -13.37 -1.35
CA ASN A 142 2.19 -12.43 -1.28
C ASN A 142 1.64 -11.05 -1.61
N LEU A 143 1.90 -10.10 -0.72
CA LEU A 143 1.45 -8.72 -0.84
C LEU A 143 2.26 -8.00 -1.90
N LYS A 144 1.55 -7.23 -2.74
CA LYS A 144 2.08 -6.41 -3.82
C LYS A 144 1.48 -5.01 -3.72
N ILE A 145 2.33 -3.97 -3.69
CA ILE A 145 1.89 -2.57 -3.69
C ILE A 145 1.40 -2.25 -5.11
N SER A 146 0.22 -1.62 -5.25
CA SER A 146 -0.36 -1.30 -6.55
CA SER A 146 -0.37 -1.30 -6.54
C SER A 146 -0.86 0.14 -6.63
N ASP A 147 -1.10 0.61 -7.87
CA ASP A 147 -1.65 1.90 -8.26
C ASP A 147 -0.69 3.04 -7.98
N PHE A 148 0.15 3.37 -8.97
CA PHE A 148 1.13 4.42 -8.85
C PHE A 148 0.67 5.72 -9.50
N GLY A 149 -0.65 5.91 -9.56
CA GLY A 149 -1.33 7.09 -10.10
C GLY A 149 -1.08 8.34 -9.28
N LEU A 150 -0.81 8.21 -7.97
CA LEU A 150 -0.53 9.39 -7.10
C LEU A 150 0.94 9.45 -6.71
N ALA A 151 1.73 8.47 -7.17
CA ALA A 151 3.15 8.34 -6.86
C ALA A 151 3.98 9.47 -7.44
N THR A 152 5.13 9.77 -6.82
CA THR A 152 6.05 10.79 -7.33
C THR A 152 7.49 10.51 -6.87
N VAL A 153 8.44 11.14 -7.55
CA VAL A 153 9.87 11.06 -7.27
C VAL A 153 10.15 12.11 -6.21
N PHE A 154 10.69 11.68 -5.06
CA PHE A 154 10.99 12.63 -3.99
C PHE A 154 12.51 12.77 -3.89
N ARG A 155 13.27 11.88 -4.55
CA ARG A 155 14.74 11.95 -4.50
C ARG A 155 15.29 11.77 -5.90
N TYR A 156 16.05 12.76 -6.36
CA TYR A 156 16.65 12.75 -7.71
C TYR A 156 18.05 13.30 -7.64
N ASN A 157 19.02 12.57 -8.23
CA ASN A 157 20.44 12.96 -8.22
C ASN A 157 20.91 13.15 -6.80
N ASN A 158 20.44 12.27 -5.89
CA ASN A 158 20.73 12.23 -4.46
C ASN A 158 20.31 13.49 -3.73
N ARG A 159 19.35 14.25 -4.27
CA ARG A 159 18.83 15.46 -3.61
CA ARG A 159 18.85 15.46 -3.63
C ARG A 159 17.37 15.24 -3.31
N GLU A 160 16.99 15.42 -2.06
CA GLU A 160 15.61 15.20 -1.66
C GLU A 160 14.77 16.43 -1.95
N ARG A 161 13.61 16.23 -2.56
CA ARG A 161 12.63 17.27 -2.84
CA ARG A 161 12.67 17.32 -2.76
C ARG A 161 11.53 17.15 -1.77
N LEU A 162 11.23 18.25 -1.06
CA LEU A 162 10.16 18.32 -0.07
C LEU A 162 8.85 18.36 -0.80
N LEU A 163 7.82 17.72 -0.26
CA LEU A 163 6.53 17.72 -0.95
C LEU A 163 5.63 18.77 -0.39
N ASN A 164 4.61 19.19 -1.16
CA ASN A 164 3.60 20.17 -0.72
C ASN A 164 2.18 19.81 -1.24
N LYS A 165 2.09 18.87 -2.19
CA LYS A 165 0.81 18.46 -2.77
C LYS A 165 0.00 17.65 -1.75
N MET A 166 -1.28 18.02 -1.63
CA MET A 166 -2.29 17.38 -0.79
C MET A 166 -2.84 16.19 -1.52
N CYS A 167 -2.53 14.98 -1.07
CA CYS A 167 -3.10 13.80 -1.69
C CYS A 167 -3.01 12.59 -0.78
N GLY A 168 -3.75 11.57 -1.18
CA GLY A 168 -3.94 10.36 -0.43
C GLY A 168 -5.41 10.22 -0.10
N THR A 169 -5.69 9.59 1.05
CA THR A 169 -7.04 9.29 1.54
C THR A 169 -7.03 9.67 2.97
N LEU A 170 -7.91 10.60 3.37
CA LEU A 170 -7.93 11.20 4.72
C LEU A 170 -7.71 10.23 5.92
N PRO A 171 -8.37 9.05 6.03
CA PRO A 171 -8.11 8.21 7.22
C PRO A 171 -6.67 7.68 7.30
N TYR A 172 -5.94 7.64 6.18
CA TYR A 172 -4.55 7.16 6.05
C TYR A 172 -3.49 8.28 5.97
N VAL A 173 -3.88 9.56 5.82
CA VAL A 173 -2.87 10.61 5.63
C VAL A 173 -2.23 11.00 6.94
N ALA A 174 -0.96 11.39 6.87
CA ALA A 174 -0.19 11.83 8.04
C ALA A 174 -0.65 13.22 8.48
N PRO A 175 -0.60 13.58 9.78
CA PRO A 175 -1.10 14.90 10.20
C PRO A 175 -0.35 16.09 9.60
N GLU A 176 0.95 15.97 9.24
CA GLU A 176 1.73 17.11 8.68
C GLU A 176 1.15 17.59 7.35
N LEU A 177 0.54 16.66 6.56
CA LEU A 177 -0.04 16.97 5.27
CA LEU A 177 -0.08 17.00 5.27
C LEU A 177 -1.20 17.97 5.45
N LEU A 178 -1.89 17.89 6.60
CA LEU A 178 -2.99 18.80 6.94
C LEU A 178 -2.51 20.05 7.74
N LYS A 179 -1.33 20.02 8.36
CA LYS A 179 -0.90 21.15 9.18
C LYS A 179 0.21 21.99 8.57
N ARG A 180 1.08 21.38 7.77
CA ARG A 180 2.24 22.06 7.23
C ARG A 180 2.18 22.22 5.75
N ARG A 181 2.77 23.32 5.24
CA ARG A 181 2.85 23.63 3.82
C ARG A 181 3.79 22.63 3.11
N GLU A 182 4.94 22.29 3.72
CA GLU A 182 5.93 21.35 3.15
C GLU A 182 6.26 20.24 4.13
N PHE A 183 6.59 19.07 3.63
CA PHE A 183 6.87 17.90 4.45
C PHE A 183 7.73 16.89 3.69
N HIS A 184 8.47 16.06 4.44
CA HIS A 184 9.29 15.00 3.90
C HIS A 184 8.36 13.86 3.44
N ALA A 185 8.66 13.26 2.28
CA ALA A 185 7.84 12.18 1.71
C ALA A 185 7.82 10.86 2.52
N GLU A 186 8.98 10.38 2.98
CA GLU A 186 9.10 9.05 3.61
C GLU A 186 8.28 8.89 4.91
N PRO A 187 8.27 9.82 5.90
CA PRO A 187 7.41 9.62 7.08
C PRO A 187 5.91 9.57 6.74
N VAL A 188 5.50 10.13 5.59
CA VAL A 188 4.09 10.11 5.17
C VAL A 188 3.67 8.67 4.86
N ASP A 189 4.50 7.92 4.11
CA ASP A 189 4.21 6.52 3.76
C ASP A 189 4.31 5.61 5.00
N VAL A 190 5.23 5.91 5.97
CA VAL A 190 5.37 5.14 7.22
C VAL A 190 4.03 5.22 8.04
N TRP A 191 3.47 6.46 8.19
CA TRP A 191 2.20 6.72 8.87
C TRP A 191 1.07 5.87 8.25
N SER A 192 0.91 5.95 6.92
CA SER A 192 -0.16 5.21 6.22
C SER A 192 0.00 3.68 6.44
N CYS A 193 1.25 3.19 6.56
CA CYS A 193 1.52 1.77 6.87
C CYS A 193 1.04 1.44 8.29
N GLY A 194 1.19 2.37 9.25
CA GLY A 194 0.68 2.19 10.62
C GLY A 194 -0.84 2.14 10.69
N ILE A 195 -1.53 2.92 9.82
CA ILE A 195 -3.01 2.89 9.75
C ILE A 195 -3.44 1.54 9.11
N VAL A 196 -2.68 1.05 8.12
CA VAL A 196 -2.95 -0.28 7.54
C VAL A 196 -2.77 -1.34 8.64
N LEU A 197 -1.71 -1.20 9.46
CA LEU A 197 -1.46 -2.19 10.53
C LEU A 197 -2.62 -2.15 11.55
N THR A 198 -3.12 -0.94 11.88
CA THR A 198 -4.24 -0.75 12.78
C THR A 198 -5.48 -1.44 12.22
N ALA A 199 -5.75 -1.24 10.92
CA ALA A 199 -6.89 -1.84 10.21
C ALA A 199 -6.82 -3.37 10.26
N MET A 200 -5.64 -3.95 10.01
CA MET A 200 -5.47 -5.42 10.00
C MET A 200 -5.67 -6.04 11.39
N LEU A 201 -5.32 -5.32 12.46
CA LEU A 201 -5.40 -5.84 13.83
C LEU A 201 -6.71 -5.57 14.55
N ALA A 202 -7.47 -4.55 14.15
CA ALA A 202 -8.70 -4.19 14.83
C ALA A 202 -9.92 -4.18 13.91
N GLY A 203 -9.69 -4.30 12.60
CA GLY A 203 -10.75 -4.28 11.61
C GLY A 203 -11.54 -2.98 11.54
N GLU A 204 -10.92 -1.88 11.96
CA GLU A 204 -11.53 -0.55 11.91
C GLU A 204 -10.46 0.52 11.81
N LEU A 205 -10.84 1.67 11.28
CA LEU A 205 -9.97 2.82 11.13
C LEU A 205 -10.06 3.67 12.38
N PRO A 206 -8.94 4.16 12.93
CA PRO A 206 -9.01 4.88 14.20
C PRO A 206 -9.68 6.27 14.13
N TRP A 207 -9.60 7.01 13.02
CA TRP A 207 -10.20 8.35 12.90
C TRP A 207 -10.51 8.67 11.45
N ASP A 208 -11.42 9.64 11.21
CA ASP A 208 -11.77 10.07 9.84
C ASP A 208 -10.60 10.86 9.21
N GLN A 209 -9.81 11.53 10.07
CA GLN A 209 -8.63 12.31 9.65
C GLN A 209 -7.77 12.64 10.88
N PRO A 210 -6.42 12.78 10.77
CA PRO A 210 -5.62 13.07 11.97
C PRO A 210 -5.56 14.57 12.30
N SER A 211 -6.65 15.11 12.86
CA SER A 211 -6.66 16.53 13.26
C SER A 211 -7.19 16.70 14.69
N ASP A 212 -6.77 17.78 15.38
CA ASP A 212 -7.17 18.11 16.77
C ASP A 212 -8.69 18.16 16.92
N SER A 213 -9.41 18.63 15.88
CA SER A 213 -10.87 18.70 15.80
C SER A 213 -11.52 17.30 15.78
N CYS A 214 -10.69 16.24 15.60
CA CYS A 214 -11.17 14.86 15.59
C CYS A 214 -10.90 14.22 16.96
N GLN A 215 -12.00 13.92 17.69
CA GLN A 215 -11.99 13.36 19.05
C GLN A 215 -11.18 12.07 19.15
N GLU A 216 -11.38 11.14 18.21
CA GLU A 216 -10.64 9.86 18.20
C GLU A 216 -9.13 10.13 18.13
N TYR A 217 -8.73 11.11 17.32
CA TYR A 217 -7.33 11.49 17.18
C TYR A 217 -6.81 12.15 18.45
N SER A 218 -7.62 13.01 19.11
CA SER A 218 -7.21 13.66 20.36
C SER A 218 -7.07 12.62 21.48
N ASP A 219 -7.97 11.62 21.52
CA ASP A 219 -7.94 10.52 22.51
C ASP A 219 -6.63 9.68 22.37
N TRP A 220 -6.18 9.46 21.12
CA TRP A 220 -4.93 8.73 20.85
C TRP A 220 -3.73 9.53 21.37
N LYS A 221 -3.70 10.84 21.08
CA LYS A 221 -2.61 11.69 21.57
C LYS A 221 -2.59 11.76 23.12
N GLU A 222 -3.78 11.61 23.77
CA GLU A 222 -3.95 11.59 25.23
C GLU A 222 -3.70 10.19 25.80
N LYS A 223 -3.32 9.22 24.94
CA LYS A 223 -2.97 7.81 25.22
C LYS A 223 -4.13 7.04 25.88
N LYS A 224 -5.36 7.26 25.39
CA LYS A 224 -6.54 6.57 25.88
C LYS A 224 -6.67 5.24 25.11
N THR A 225 -5.73 4.32 25.37
CA THR A 225 -5.67 3.04 24.66
C THR A 225 -6.66 2.00 25.24
N TYR A 226 -7.47 2.41 26.25
CA TYR A 226 -8.53 1.55 26.82
C TYR A 226 -9.75 1.60 25.91
N LEU A 227 -9.75 2.55 24.94
CA LEU A 227 -10.80 2.73 23.94
C LEU A 227 -10.49 1.97 22.63
N ASN A 228 -11.50 1.83 21.78
CA ASN A 228 -11.42 1.20 20.46
C ASN A 228 -10.73 2.15 19.49
N PRO A 229 -9.94 1.65 18.50
CA PRO A 229 -9.65 0.24 18.18
C PRO A 229 -8.50 -0.35 19.00
N TRP A 230 -7.80 0.49 19.79
CA TRP A 230 -6.58 0.13 20.50
C TRP A 230 -6.77 -0.99 21.52
N LYS A 231 -7.98 -1.09 22.14
CA LYS A 231 -8.22 -2.11 23.16
C LYS A 231 -8.23 -3.52 22.56
N LYS A 232 -8.49 -3.66 21.24
CA LYS A 232 -8.47 -4.96 20.56
C LYS A 232 -7.07 -5.40 20.15
N ILE A 233 -6.05 -4.54 20.36
CA ILE A 233 -4.67 -4.79 19.87
C ILE A 233 -3.76 -5.16 21.02
N ASP A 234 -3.00 -6.26 20.86
CA ASP A 234 -2.05 -6.70 21.87
C ASP A 234 -0.97 -5.64 22.10
N SER A 235 -0.39 -5.63 23.31
CA SER A 235 0.60 -4.65 23.77
C SER A 235 1.87 -4.60 22.89
N ALA A 236 2.36 -5.74 22.35
CA ALA A 236 3.56 -5.76 21.50
C ALA A 236 3.27 -5.04 20.14
N PRO A 237 2.23 -5.36 19.31
CA PRO A 237 2.01 -4.53 18.09
C PRO A 237 1.55 -3.10 18.44
N LEU A 238 0.86 -2.92 19.58
CA LEU A 238 0.41 -1.58 20.03
C LEU A 238 1.60 -0.66 20.38
N ALA A 239 2.71 -1.21 20.94
CA ALA A 239 3.94 -0.44 21.25
C ALA A 239 4.61 0.03 19.93
N LEU A 240 4.46 -0.77 18.86
CA LEU A 240 4.97 -0.39 17.54
C LEU A 240 4.09 0.75 16.98
N LEU A 241 2.76 0.62 17.09
CA LEU A 241 1.84 1.66 16.64
C LEU A 241 2.09 3.00 17.41
N HIS A 242 2.48 2.92 18.68
CA HIS A 242 2.83 4.13 19.46
C HIS A 242 4.04 4.86 18.86
N LYS A 243 4.94 4.13 18.14
CA LYS A 243 6.14 4.70 17.52
C LYS A 243 5.86 5.20 16.11
N ILE A 244 4.92 4.60 15.41
CA ILE A 244 4.58 4.99 14.03
C ILE A 244 3.66 6.17 14.03
N LEU A 245 2.57 6.10 14.82
CA LEU A 245 1.53 7.12 14.79
C LEU A 245 1.87 8.28 15.71
N VAL A 246 3.06 8.85 15.48
CA VAL A 246 3.65 9.98 16.19
C VAL A 246 3.36 11.23 15.33
N GLU A 247 2.74 12.26 15.92
CA GLU A 247 2.33 13.49 15.21
C GLU A 247 3.51 14.20 14.53
N ASN A 248 4.63 14.36 15.24
CA ASN A 248 5.82 15.00 14.71
C ASN A 248 6.53 14.03 13.75
N PRO A 249 6.57 14.35 12.43
CA PRO A 249 7.22 13.42 11.47
C PRO A 249 8.74 13.26 11.70
N SER A 250 9.39 14.20 12.40
CA SER A 250 10.83 14.14 12.69
C SER A 250 11.10 13.19 13.86
N ALA A 251 10.11 12.98 14.75
CA ALA A 251 10.23 12.04 15.88
C ALA A 251 9.69 10.66 15.52
N ARG A 252 8.90 10.56 14.43
CA ARG A 252 8.30 9.28 13.98
C ARG A 252 9.40 8.27 13.62
N ILE A 253 9.15 7.00 13.96
CA ILE A 253 10.08 5.90 13.68
C ILE A 253 10.27 5.78 12.14
N THR A 254 11.51 5.41 11.74
CA THR A 254 11.88 5.21 10.35
C THR A 254 11.76 3.74 10.11
N ILE A 255 11.75 3.30 8.84
CA ILE A 255 11.64 1.87 8.54
C ILE A 255 12.87 1.09 9.06
N PRO A 256 14.16 1.56 8.93
CA PRO A 256 15.26 0.77 9.53
C PRO A 256 15.01 0.44 11.00
N ASP A 257 14.41 1.37 11.78
CA ASP A 257 14.09 1.14 13.19
C ASP A 257 12.81 0.28 13.36
N ILE A 258 11.84 0.33 12.41
CA ILE A 258 10.67 -0.56 12.47
C ILE A 258 11.16 -2.04 12.41
N LYS A 259 12.18 -2.30 11.60
CA LYS A 259 12.79 -3.63 11.41
C LYS A 259 13.50 -4.16 12.67
N LYS A 260 13.76 -3.28 13.66
CA LYS A 260 14.37 -3.63 14.95
C LYS A 260 13.32 -3.71 16.07
N ASP A 261 12.04 -3.43 15.76
CA ASP A 261 10.97 -3.43 16.78
C ASP A 261 10.72 -4.85 17.25
N ARG A 262 10.37 -4.98 18.54
CA ARG A 262 10.13 -6.27 19.20
C ARG A 262 9.01 -7.06 18.50
N TRP A 263 7.82 -6.44 18.26
CA TRP A 263 6.73 -7.18 17.59
C TRP A 263 7.10 -7.55 16.16
N TYR A 264 7.74 -6.62 15.43
CA TYR A 264 8.16 -6.87 14.06
C TYR A 264 9.03 -8.15 13.97
N ASN A 265 9.86 -8.41 14.99
CA ASN A 265 10.77 -9.55 15.04
C ASN A 265 10.26 -10.73 15.92
N LYS A 266 9.00 -10.68 16.37
CA LYS A 266 8.41 -11.74 17.18
C LYS A 266 8.03 -12.95 16.34
N PRO A 267 8.51 -14.18 16.67
CA PRO A 267 8.08 -15.36 15.92
C PRO A 267 6.61 -15.65 16.22
N LEU A 268 5.79 -15.69 15.18
CA LEU A 268 4.36 -15.88 15.34
C LEU A 268 3.78 -16.85 14.35
N LYS A 269 4.23 -16.80 13.10
CA LYS A 269 3.64 -17.58 12.02
C LYS A 269 4.53 -18.68 11.46
N LYS A 270 3.88 -19.81 11.21
CA LYS A 270 4.44 -20.96 10.55
C LYS A 270 4.45 -20.68 9.07
N GLY A 271 5.32 -21.34 8.31
CA GLY A 271 5.37 -21.20 6.86
C GLY A 271 4.16 -21.85 6.23
N ALA A 272 3.96 -21.65 4.91
CA ALA A 272 2.83 -22.23 4.16
C ALA A 272 2.75 -23.75 4.38
N LYS A 273 1.54 -24.25 4.66
CA LYS A 273 1.26 -25.67 4.92
C LYS A 273 1.78 -26.53 3.75
N ARG A 274 2.86 -27.29 4.02
CA ARG A 274 3.52 -28.16 3.04
C ARG A 274 2.96 -29.60 3.12
N PRO A 275 2.75 -30.29 1.97
CA PRO A 275 2.20 -31.66 2.02
C PRO A 275 3.11 -32.64 2.77
N ARG A 276 2.52 -33.42 3.71
CA ARG A 276 3.25 -34.36 4.54
C ARG A 276 2.45 -35.64 4.80
N VAL A 277 3.17 -36.78 4.94
CA VAL A 277 2.62 -38.12 5.21
C VAL A 277 3.35 -38.70 6.46
N THR A 278 2.68 -39.59 7.23
CA THR A 278 3.26 -40.20 8.44
C THR A 278 3.53 -41.71 8.27
O3 H7K B . -3.65 0.10 -10.74
C21 H7K B . -4.33 -0.87 -10.50
O4 H7K B . -5.59 -0.81 -10.05
C22 H7K B . -6.21 0.50 -10.02
C18 H7K B . -3.86 -2.28 -10.66
O2 H7K B . -4.71 -3.32 -10.39
C19 H7K B . -2.66 -2.77 -11.07
C20 H7K B . -2.75 -4.17 -11.06
C17 H7K B . -4.00 -4.48 -10.65
C16 H7K B . -4.69 -5.73 -10.40
N3 H7K B . -4.14 -6.94 -10.59
N2 H7K B . -4.94 -7.95 -10.14
C15 H7K B . -6.02 -7.35 -9.65
C11 H7K B . -7.25 -7.67 -8.95
C10 H7K B . -7.82 -8.89 -8.55
C9 H7K B . -9.01 -8.90 -7.85
C14 H7K B . -5.95 -5.94 -9.78
C13 H7K B . -7.14 -5.32 -9.21
C12 H7K B . -7.89 -6.49 -8.63
C23 H7K B . -9.08 -6.52 -7.91
C8 H7K B . -9.67 -7.72 -7.52
C7 H7K B . -11.03 -7.74 -6.87
N1 H7K B . -12.08 -7.94 -7.88
C4 H7K B . -13.38 -8.46 -7.42
C3 H7K B . -13.93 -9.24 -8.61
C2 H7K B . -15.25 -9.94 -8.27
C5 H7K B . -14.34 -7.35 -7.01
C6 H7K B . -15.79 -7.71 -7.34
C1 H7K B . -16.04 -9.19 -7.22
O1 H7K B . -17.44 -9.47 -7.36
H20 H7K B . -1.79 -2.19 -11.39
H21 H7K B . -1.96 -4.86 -11.35
H3 H7K B . -3.25 -7.17 -11.02
H17 H7K B . -7.33 -9.82 -8.83
H16 H7K B . -9.43 -9.86 -7.55
H18 H7K B . -7.73 -4.79 -9.94
H19 H7K B . -6.88 -4.59 -8.44
H22 H7K B . -9.53 -5.56 -7.65
H15 H7K B . -11.08 -8.51 -6.11
H14 H7K B . -11.20 -6.79 -6.36
H13 H7K B . -12.15 -7.15 -8.51
H2 H7K B . -13.27 -9.15 -6.59
H8 H7K B . -13.22 -9.98 -8.95
H7 H7K B . -14.09 -8.59 -9.46
H6 H7K B . -15.84 -10.07 -9.18
H5 H7K B . -15.07 -10.97 -7.93
H9 H7K B . -14.07 -6.41 -7.48
H10 H7K B . -14.26 -7.16 -5.95
H12 H7K B . -16.06 -7.35 -8.33
H11 H7K B . -16.47 -7.17 -6.68
H1 H7K B . -15.73 -9.52 -6.23
H4 H7K B . -17.81 -9.48 -6.44
S SO4 C . 4.34 16.35 -7.12
O1 SO4 C . 3.18 15.58 -7.64
O2 SO4 C . 5.57 15.78 -7.64
O3 SO4 C . 4.23 17.74 -7.56
O4 SO4 C . 4.36 16.34 -5.67
C1 GOL D . 0.15 8.79 20.74
O1 GOL D . 0.20 7.96 21.93
C2 GOL D . 1.55 8.95 20.10
O2 GOL D . 2.20 7.65 19.99
C3 GOL D . 2.29 9.98 21.00
O3 GOL D . 3.65 10.33 20.63
C1 IPA E . -10.82 -1.97 8.21
C2 IPA E . -10.81 -0.78 7.26
C3 IPA E . -12.27 -0.36 6.98
O2 IPA E . -10.09 -1.04 6.03
#